data_3RDZ
#
_entry.id   3RDZ
#
_cell.length_a   66.709
_cell.length_b   50.236
_cell.length_c   84.492
_cell.angle_alpha   90.00
_cell.angle_beta   95.06
_cell.angle_gamma   90.00
#
_symmetry.space_group_name_H-M   'P 1 21 1'
#
loop_
_entity.id
_entity.type
_entity.pdbx_description
1 polymer 'Cationic trypsin'
2 polymer 'BWI-1=PROTEASE inhibitor/trypsin inhibitor'
3 non-polymer 'CALCIUM ION'
4 water water
#
loop_
_entity_poly.entity_id
_entity_poly.type
_entity_poly.pdbx_seq_one_letter_code
_entity_poly.pdbx_strand_id
1 'polypeptide(L)'
;IVGGYTCGANTVPYQVSLNSGYHFCGGSLINSQWVVSAAHCYKSGIQVRLGEDNINVVEGNEQFISASKSIVHPSYNSNT
LNNDIMLIKLKSAASLNSRVASISLPTSCASAGTQCLISGWGNTKSSGTSYPDVLKCLKAPILSDSSCKSAYPGQITSNM
FCAGYLEGGKDSCQGDSGGPVVCSGKLQGIVSWGSGCAQKNKPGVYTKVCNYVSWIKQTIASN
;
A,B
2 'polypeptide(L)' MRGSHHHHHHLRQCSGKQEWPELVGERGSKAAKIIENENEDVRAIVLPEGSAVPRDLRCDRVWVFVDERGVVVDTPVVM C,D
#
# COMPACT_ATOMS: atom_id res chain seq x y z
N ILE A 1 16.10 -2.78 -18.91
CA ILE A 1 15.85 -1.41 -19.31
C ILE A 1 15.31 -1.37 -20.73
N VAL A 2 14.07 -0.92 -20.91
CA VAL A 2 13.57 -0.77 -22.29
C VAL A 2 13.55 0.66 -22.81
N GLY A 3 13.99 0.82 -24.04
CA GLY A 3 14.05 2.12 -24.68
C GLY A 3 15.26 2.90 -24.21
N GLY A 4 16.22 2.20 -23.61
CA GLY A 4 17.42 2.84 -23.11
C GLY A 4 18.59 2.81 -24.08
N TYR A 5 19.81 2.85 -23.54
CA TYR A 5 21.02 2.88 -24.36
C TYR A 5 22.18 2.19 -23.65
N THR A 6 23.15 1.70 -24.41
CA THR A 6 24.32 1.06 -23.84
C THR A 6 25.17 2.04 -23.03
N CYS A 7 25.24 1.87 -21.71
CA CYS A 7 26.00 2.78 -20.86
C CYS A 7 27.45 2.93 -21.30
N GLY A 8 28.10 1.82 -21.61
CA GLY A 8 29.52 1.84 -21.86
C GLY A 8 30.27 1.42 -20.61
N ALA A 9 31.37 0.70 -20.80
CA ALA A 9 32.06 0.10 -19.68
C ALA A 9 32.47 1.12 -18.61
N ASN A 10 32.27 0.73 -17.35
CA ASN A 10 32.72 1.52 -16.21
C ASN A 10 32.11 2.92 -16.14
N THR A 11 31.02 3.14 -16.87
CA THR A 11 30.36 4.45 -16.79
C THR A 11 29.34 4.48 -15.65
N VAL A 12 29.01 3.31 -15.09
CA VAL A 12 28.13 3.27 -13.91
C VAL A 12 28.80 2.38 -12.85
N PRO A 13 29.87 2.89 -12.21
CA PRO A 13 30.78 2.08 -11.39
C PRO A 13 30.13 1.53 -10.12
N TYR A 14 29.02 2.11 -9.69
CA TYR A 14 28.32 1.67 -8.48
C TYR A 14 27.31 0.56 -8.77
N GLN A 15 27.08 0.28 -10.05
CA GLN A 15 26.09 -0.73 -10.44
C GLN A 15 26.54 -2.13 -10.07
N VAL A 16 25.63 -2.87 -9.46
CA VAL A 16 25.93 -4.21 -9.00
C VAL A 16 24.97 -5.20 -9.63
N SER A 17 25.47 -6.41 -9.93
CA SER A 17 24.61 -7.52 -10.35
C SER A 17 24.51 -8.54 -9.23
N LEU A 18 23.29 -8.90 -8.85
CA LEU A 18 23.09 -10.00 -7.89
C LEU A 18 22.94 -11.31 -8.65
N ASN A 19 23.71 -12.31 -8.23
CA ASN A 19 23.79 -13.56 -8.98
C ASN A 19 23.65 -14.77 -8.05
N SER A 20 22.71 -15.65 -8.39
CA SER A 20 22.43 -16.85 -7.61
C SER A 20 22.55 -18.05 -8.53
N GLY A 21 23.41 -17.95 -9.53
CA GLY A 21 23.47 -18.93 -10.60
C GLY A 21 23.18 -18.20 -11.90
N TYR A 22 22.30 -17.21 -11.81
CA TYR A 22 22.04 -16.29 -12.89
C TYR A 22 21.81 -14.87 -12.32
N HIS A 23 21.94 -13.87 -13.18
CA HIS A 23 21.61 -12.52 -12.79
C HIS A 23 20.10 -12.42 -12.55
N PHE A 24 19.71 -11.91 -11.39
CA PHE A 24 18.28 -11.89 -11.05
C PHE A 24 17.78 -10.52 -10.59
N CYS A 25 18.70 -9.65 -10.21
CA CYS A 25 18.39 -8.32 -9.69
C CYS A 25 19.65 -7.49 -9.78
N GLY A 26 19.51 -6.18 -9.63
CA GLY A 26 20.64 -5.27 -9.55
C GLY A 26 20.80 -4.78 -8.12
N GLY A 27 21.75 -3.86 -7.93
CA GLY A 27 22.05 -3.31 -6.62
C GLY A 27 22.96 -2.12 -6.79
N SER A 28 23.11 -1.32 -5.73
CA SER A 28 24.00 -0.16 -5.75
C SER A 28 25.01 -0.22 -4.61
N LEU A 29 26.29 -0.08 -4.95
CA LEU A 29 27.38 -0.08 -3.96
C LEU A 29 27.43 1.26 -3.23
N ILE A 30 27.18 1.26 -1.93
CA ILE A 30 27.15 2.55 -1.23
C ILE A 30 28.43 2.79 -0.43
N ASN A 31 29.15 1.72 -0.13
CA ASN A 31 30.51 1.83 0.36
C ASN A 31 31.26 0.53 0.11
N SER A 32 32.52 0.48 0.52
CA SER A 32 33.37 -0.63 0.13
C SER A 32 32.82 -1.99 0.58
N GLN A 33 31.88 -2.00 1.52
CA GLN A 33 31.43 -3.28 2.06
C GLN A 33 29.91 -3.50 2.05
N TRP A 34 29.16 -2.54 1.52
CA TRP A 34 27.70 -2.60 1.58
C TRP A 34 27.00 -2.26 0.27
N VAL A 35 26.01 -3.07 -0.07
CA VAL A 35 25.20 -2.86 -1.27
C VAL A 35 23.74 -2.61 -0.90
N VAL A 36 23.10 -1.68 -1.59
CA VAL A 36 21.68 -1.43 -1.40
C VAL A 36 20.93 -2.09 -2.56
N SER A 37 19.91 -2.87 -2.22
CA SER A 37 19.07 -3.50 -3.23
C SER A 37 17.60 -3.49 -2.77
N ALA A 38 16.75 -4.23 -3.47
CA ALA A 38 15.33 -4.30 -3.13
C ALA A 38 15.09 -5.47 -2.20
N ALA A 39 14.18 -5.31 -1.26
CA ALA A 39 13.87 -6.38 -0.33
C ALA A 39 13.34 -7.64 -1.05
N HIS A 40 12.62 -7.47 -2.16
CA HIS A 40 12.08 -8.63 -2.85
C HIS A 40 13.16 -9.39 -3.63
N CYS A 41 14.38 -8.84 -3.64
CA CYS A 41 15.52 -9.51 -4.24
C CYS A 41 16.21 -10.42 -3.23
N TYR A 42 15.74 -10.44 -1.99
CA TYR A 42 16.39 -11.25 -0.97
C TYR A 42 16.42 -12.71 -1.35
N LYS A 43 17.55 -13.36 -1.06
CA LYS A 43 17.66 -14.81 -1.04
C LYS A 43 18.97 -15.18 -0.35
N SER A 44 19.11 -16.43 0.05
CA SER A 44 20.35 -16.82 0.69
C SER A 44 21.35 -17.23 -0.38
N GLY A 45 22.64 -17.05 -0.09
CA GLY A 45 23.67 -17.43 -1.03
C GLY A 45 23.73 -16.54 -2.25
N ILE A 46 23.57 -15.24 -2.03
CA ILE A 46 23.73 -14.26 -3.10
C ILE A 46 25.21 -14.03 -3.32
N GLN A 47 25.64 -14.07 -4.58
CA GLN A 47 26.97 -13.61 -4.95
C GLN A 47 26.83 -12.24 -5.60
N VAL A 48 27.58 -11.27 -5.09
CA VAL A 48 27.57 -9.91 -5.62
C VAL A 48 28.64 -9.73 -6.68
N ARG A 49 28.26 -9.23 -7.86
CA ARG A 49 29.22 -9.02 -8.94
C ARG A 49 29.39 -7.54 -9.24
N LEU A 50 30.56 -7.00 -8.87
CA LEU A 50 30.91 -5.61 -9.11
C LEU A 50 31.80 -5.47 -10.34
N GLY A 51 31.92 -4.25 -10.86
CA GLY A 51 32.75 -4.00 -12.02
C GLY A 51 32.32 -4.73 -13.29
N GLU A 52 31.05 -5.11 -13.33
CA GLU A 52 30.53 -5.81 -14.51
C GLU A 52 30.16 -4.80 -15.58
N ASP A 53 30.42 -5.15 -16.84
CA ASP A 53 29.77 -4.49 -17.94
C ASP A 53 28.98 -5.54 -18.71
N ASN A 54 29.70 -6.42 -19.39
CA ASN A 54 29.09 -7.56 -20.04
C ASN A 54 29.02 -8.69 -19.01
N ILE A 55 27.84 -9.02 -18.51
CA ILE A 55 27.76 -10.06 -17.45
C ILE A 55 28.04 -11.49 -17.95
N ASN A 56 28.22 -11.66 -19.25
CA ASN A 56 28.43 -12.99 -19.80
C ASN A 56 29.86 -13.16 -20.29
N VAL A 57 30.63 -12.09 -20.23
CA VAL A 57 32.02 -12.18 -20.63
C VAL A 57 32.91 -11.54 -19.59
N VAL A 58 33.85 -12.29 -19.03
CA VAL A 58 34.81 -11.69 -18.10
C VAL A 58 35.74 -10.76 -18.88
N GLU A 59 35.68 -9.47 -18.56
CA GLU A 59 36.38 -8.48 -19.35
C GLU A 59 37.54 -7.85 -18.59
N GLY A 60 37.54 -7.97 -17.26
CA GLY A 60 38.71 -7.55 -16.50
C GLY A 60 38.48 -6.75 -15.24
N ASN A 61 37.30 -6.17 -15.06
CA ASN A 61 37.05 -5.32 -13.90
C ASN A 61 36.18 -6.01 -12.83
N GLU A 62 35.76 -7.23 -13.11
CA GLU A 62 34.85 -7.92 -12.20
C GLU A 62 35.47 -8.16 -10.82
N GLN A 63 34.64 -8.02 -9.80
CA GLN A 63 34.95 -8.53 -8.48
C GLN A 63 33.70 -9.29 -8.07
N PHE A 64 33.81 -10.60 -7.93
CA PHE A 64 32.70 -11.42 -7.48
C PHE A 64 32.90 -11.70 -6.02
N ILE A 65 31.99 -11.22 -5.18
CA ILE A 65 32.13 -11.38 -3.73
C ILE A 65 30.85 -11.91 -3.10
N SER A 66 30.97 -12.93 -2.26
CA SER A 66 29.81 -13.48 -1.57
C SER A 66 29.15 -12.47 -0.64
N ALA A 67 27.84 -12.58 -0.48
CA ALA A 67 27.15 -11.77 0.52
C ALA A 67 27.30 -12.51 1.83
N SER A 68 27.72 -11.79 2.86
CA SER A 68 27.83 -12.41 4.18
C SER A 68 26.50 -12.31 4.93
N LYS A 69 25.78 -11.20 4.71
CA LYS A 69 24.40 -11.11 5.16
C LYS A 69 23.55 -10.14 4.33
N SER A 70 22.24 -10.35 4.36
CA SER A 70 21.29 -9.53 3.63
C SER A 70 20.18 -9.10 4.58
N ILE A 71 20.24 -7.86 5.03
CA ILE A 71 19.24 -7.34 5.94
C ILE A 71 18.06 -6.69 5.21
N VAL A 72 16.90 -7.34 5.27
CA VAL A 72 15.68 -6.76 4.72
C VAL A 72 15.07 -5.75 5.69
N HIS A 73 14.51 -4.66 5.16
CA HIS A 73 13.85 -3.69 6.03
C HIS A 73 12.80 -4.35 6.92
N PRO A 74 12.81 -4.01 8.22
CA PRO A 74 11.92 -4.63 9.22
C PRO A 74 10.46 -4.54 8.80
N SER A 75 10.08 -3.47 8.12
CA SER A 75 8.68 -3.25 7.75
C SER A 75 8.35 -3.55 6.28
N TYR A 76 9.24 -4.30 5.62
CA TYR A 76 9.00 -4.73 4.25
C TYR A 76 7.70 -5.54 4.13
N ASN A 77 6.86 -5.16 3.18
CA ASN A 77 5.64 -5.90 2.89
C ASN A 77 5.77 -6.63 1.56
N SER A 78 5.97 -7.94 1.62
CA SER A 78 6.20 -8.74 0.42
C SER A 78 5.03 -8.65 -0.55
N ASN A 79 3.85 -8.26 -0.06
CA ASN A 79 2.67 -8.19 -0.94
C ASN A 79 2.48 -6.87 -1.67
N THR A 80 2.68 -5.78 -0.95
CA THR A 80 2.51 -4.44 -1.51
C THR A 80 3.84 -3.78 -1.89
N LEU A 81 4.94 -4.40 -1.46
CA LEU A 81 6.28 -3.92 -1.79
C LEU A 81 6.61 -2.58 -1.13
N ASN A 82 5.85 -2.22 -0.09
CA ASN A 82 6.17 -1.06 0.76
C ASN A 82 7.42 -1.33 1.61
N ASN A 83 8.31 -0.36 1.71
CA ASN A 83 9.62 -0.58 2.34
C ASN A 83 10.44 -1.64 1.60
N ASP A 84 10.45 -1.56 0.27
CA ASP A 84 11.18 -2.49 -0.57
C ASP A 84 12.65 -2.08 -0.65
N ILE A 85 13.38 -2.34 0.44
CA ILE A 85 14.79 -2.00 0.52
C ILE A 85 15.50 -3.04 1.35
N MET A 86 16.74 -3.33 0.94
CA MET A 86 17.53 -4.37 1.57
C MET A 86 18.99 -3.94 1.54
N LEU A 87 19.69 -4.28 2.62
CA LEU A 87 21.12 -4.05 2.71
C LEU A 87 21.87 -5.37 2.59
N ILE A 88 22.91 -5.41 1.75
CA ILE A 88 23.74 -6.61 1.67
C ILE A 88 25.17 -6.29 2.06
N LYS A 89 25.69 -7.04 3.03
CA LYS A 89 27.08 -6.87 3.42
C LYS A 89 27.94 -7.82 2.63
N LEU A 90 29.05 -7.31 2.10
CA LEU A 90 29.98 -8.16 1.38
C LEU A 90 30.88 -8.92 2.35
N LYS A 91 31.19 -10.17 2.03
CA LYS A 91 32.04 -10.97 2.87
C LYS A 91 33.43 -10.36 3.02
N SER A 92 33.94 -9.77 1.94
CA SER A 92 35.19 -9.03 1.99
C SER A 92 34.97 -7.71 1.29
N ALA A 93 35.73 -6.69 1.65
CA ALA A 93 35.53 -5.38 1.06
C ALA A 93 35.92 -5.43 -0.42
N ALA A 94 35.15 -4.71 -1.24
CA ALA A 94 35.49 -4.51 -2.63
C ALA A 94 36.68 -3.59 -2.73
N SER A 95 37.44 -3.71 -3.81
CA SER A 95 38.56 -2.79 -4.08
C SER A 95 38.07 -1.59 -4.88
N LEU A 96 38.16 -0.40 -4.29
CA LEU A 96 37.65 0.83 -4.93
C LEU A 96 38.73 1.66 -5.62
N VAL A 100 34.92 0.44 -10.38
CA VAL A 100 34.17 0.07 -9.18
C VAL A 100 34.27 1.20 -8.16
N ALA A 101 33.15 1.81 -7.82
CA ALA A 101 33.11 2.91 -6.86
C ALA A 101 31.75 2.98 -6.22
N SER A 102 31.66 3.63 -5.06
CA SER A 102 30.40 3.74 -4.36
C SER A 102 29.62 4.96 -4.83
N ILE A 103 28.31 4.95 -4.59
CA ILE A 103 27.45 6.09 -4.94
C ILE A 103 26.96 6.66 -3.62
N SER A 104 26.92 7.99 -3.55
CA SER A 104 26.55 8.64 -2.32
C SER A 104 25.04 8.55 -2.04
N LEU A 105 24.68 8.54 -0.76
CA LEU A 105 23.27 8.57 -0.36
C LEU A 105 22.76 9.99 -0.49
N PRO A 106 21.42 10.17 -0.51
CA PRO A 106 20.86 11.51 -0.65
C PRO A 106 20.83 12.24 0.70
N THR A 107 20.94 13.56 0.67
CA THR A 107 20.73 14.35 1.87
C THR A 107 19.36 15.02 1.86
N SER A 108 18.78 15.15 0.67
CA SER A 108 17.36 15.49 0.56
C SER A 108 16.65 14.76 -0.56
N CYS A 109 15.33 14.63 -0.42
CA CYS A 109 14.51 13.95 -1.42
C CYS A 109 14.48 14.79 -2.68
N ALA A 110 14.51 14.11 -3.84
CA ALA A 110 14.44 14.81 -5.11
C ALA A 110 12.99 15.16 -5.39
N SER A 111 12.77 16.16 -6.24
CA SER A 111 11.41 16.59 -6.54
C SER A 111 10.97 16.11 -7.92
N ALA A 112 9.65 16.05 -8.12
CA ALA A 112 9.09 15.72 -9.42
C ALA A 112 9.75 16.56 -10.51
N GLY A 113 10.01 15.93 -11.65
CA GLY A 113 10.63 16.63 -12.77
C GLY A 113 12.12 16.46 -12.83
N THR A 114 12.73 16.06 -11.72
CA THR A 114 14.19 15.80 -11.69
C THR A 114 14.63 14.67 -12.64
N GLN A 115 15.67 14.94 -13.43
CA GLN A 115 16.18 13.94 -14.37
C GLN A 115 17.13 12.98 -13.68
N CYS A 116 16.92 11.69 -13.92
CA CYS A 116 17.72 10.66 -13.24
C CYS A 116 18.28 9.63 -14.21
N LEU A 117 19.22 8.85 -13.72
CA LEU A 117 19.80 7.73 -14.46
C LEU A 117 19.42 6.39 -13.83
N ILE A 118 18.72 5.58 -14.63
CA ILE A 118 18.32 4.25 -14.20
C ILE A 118 19.09 3.26 -15.08
N SER A 119 19.53 2.16 -14.49
CA SER A 119 20.39 1.26 -15.25
C SER A 119 20.21 -0.17 -14.77
N GLY A 120 20.64 -1.12 -15.59
CA GLY A 120 20.47 -2.52 -15.26
C GLY A 120 20.59 -3.47 -16.44
N TRP A 121 20.50 -4.76 -16.14
CA TRP A 121 20.60 -5.80 -17.15
C TRP A 121 19.24 -6.43 -17.38
N GLY A 122 18.18 -5.69 -17.05
CA GLY A 122 16.84 -6.19 -17.21
C GLY A 122 16.42 -6.37 -18.66
N ASN A 123 15.27 -7.02 -18.87
CA ASN A 123 14.67 -7.19 -20.19
C ASN A 123 14.66 -5.87 -20.96
N THR A 124 14.90 -5.93 -22.26
CA THR A 124 14.92 -4.71 -23.08
C THR A 124 13.68 -4.54 -23.96
N LYS A 125 12.75 -5.50 -23.88
CA LYS A 125 11.53 -5.44 -24.69
C LYS A 125 10.29 -5.13 -23.85
N SER A 126 9.44 -4.24 -24.36
CA SER A 126 8.14 -3.99 -23.74
C SER A 126 7.26 -5.20 -23.96
N SER A 127 7.40 -5.80 -25.13
CA SER A 127 6.64 -7.00 -25.43
C SER A 127 7.55 -8.04 -26.03
N GLY A 128 7.44 -9.25 -25.51
CA GLY A 128 8.40 -10.28 -25.83
C GLY A 128 9.54 -10.16 -24.86
N THR A 129 10.66 -10.80 -25.18
CA THR A 129 11.72 -10.90 -24.20
C THR A 129 13.11 -10.80 -24.84
N SER A 130 13.95 -9.96 -24.26
CA SER A 130 15.35 -9.91 -24.66
C SER A 130 16.25 -9.42 -23.53
N TYR A 131 17.18 -10.27 -23.10
CA TYR A 131 18.07 -9.96 -21.97
C TYR A 131 19.49 -9.61 -22.40
N PRO A 132 19.96 -8.40 -22.08
CA PRO A 132 21.21 -7.86 -22.67
C PRO A 132 22.44 -8.45 -22.01
N ASP A 133 23.56 -8.45 -22.72
CA ASP A 133 24.84 -8.84 -22.11
C ASP A 133 25.42 -7.64 -21.38
N VAL A 134 25.38 -6.47 -22.02
CA VAL A 134 26.03 -5.30 -21.47
C VAL A 134 25.04 -4.40 -20.73
N LEU A 135 25.56 -3.55 -19.84
CA LEU A 135 24.73 -2.75 -18.98
C LEU A 135 23.94 -1.71 -19.78
N LYS A 136 22.65 -1.59 -19.46
CA LYS A 136 21.80 -0.61 -20.13
C LYS A 136 21.43 0.55 -19.21
N CYS A 137 21.34 1.75 -19.79
CA CYS A 137 21.01 2.97 -19.05
C CYS A 137 19.77 3.62 -19.62
N LEU A 138 19.09 4.42 -18.79
CA LEU A 138 17.93 5.21 -19.21
C LEU A 138 17.88 6.50 -18.44
N LYS A 139 17.76 7.62 -19.13
CA LYS A 139 17.52 8.89 -18.45
C LYS A 139 16.02 9.13 -18.40
N ALA A 140 15.49 9.37 -17.21
CA ALA A 140 14.06 9.53 -17.02
C ALA A 140 13.78 10.48 -15.86
N PRO A 141 12.67 11.23 -15.94
CA PRO A 141 12.32 12.20 -14.90
C PRO A 141 11.46 11.58 -13.82
N ILE A 142 11.58 12.08 -12.60
CA ILE A 142 10.64 11.73 -11.54
C ILE A 142 9.29 12.34 -11.90
N LEU A 143 8.21 11.60 -11.69
CA LEU A 143 6.88 12.11 -12.00
C LEU A 143 6.20 12.62 -10.74
N SER A 144 5.21 13.48 -10.92
CA SER A 144 4.47 14.04 -9.79
C SER A 144 3.77 12.95 -9.02
N ASP A 145 3.68 13.10 -7.71
CA ASP A 145 3.03 12.10 -6.87
C ASP A 145 1.60 11.94 -7.34
N SER A 146 1.09 12.98 -7.98
CA SER A 146 -0.28 12.97 -8.49
C SER A 146 -0.41 12.01 -9.67
N SER A 147 0.46 12.16 -10.67
CA SER A 147 0.53 11.23 -11.81
C SER A 147 0.70 9.81 -11.31
N CYS A 148 1.68 9.62 -10.45
CA CYS A 148 2.03 8.30 -9.94
C CYS A 148 0.80 7.60 -9.36
N LYS A 149 0.12 8.26 -8.43
CA LYS A 149 -1.03 7.64 -7.78
C LYS A 149 -2.16 7.33 -8.76
N SER A 150 -2.33 8.19 -9.77
CA SER A 150 -3.40 8.00 -10.75
C SER A 150 -3.12 6.80 -11.63
N ALA A 151 -1.84 6.58 -11.91
CA ALA A 151 -1.44 5.42 -12.72
C ALA A 151 -1.67 4.11 -11.98
N TYR A 152 -1.45 4.14 -10.66
CA TYR A 152 -1.58 2.95 -9.84
C TYR A 152 -2.45 3.20 -8.60
N PRO A 153 -3.75 3.42 -8.79
CA PRO A 153 -4.64 3.80 -7.70
C PRO A 153 -4.67 2.77 -6.60
N GLY A 154 -4.55 3.22 -5.35
CA GLY A 154 -4.59 2.31 -4.21
C GLY A 154 -3.29 1.58 -3.91
N GLN A 155 -2.22 1.92 -4.62
CA GLN A 155 -0.99 1.14 -4.50
C GLN A 155 0.28 1.90 -4.14
N ILE A 156 0.26 3.22 -4.30
CA ILE A 156 1.45 4.00 -4.01
C ILE A 156 1.50 4.44 -2.56
N THR A 157 2.61 4.18 -1.88
CA THR A 157 2.80 4.65 -0.52
C THR A 157 3.77 5.82 -0.48
N SER A 158 4.00 6.36 0.71
CA SER A 158 4.88 7.51 0.87
C SER A 158 6.34 7.11 0.65
N ASN A 159 6.59 5.80 0.62
CA ASN A 159 7.92 5.26 0.41
C ASN A 159 8.20 4.88 -1.05
N MET A 160 7.40 5.39 -1.97
CA MET A 160 7.55 5.07 -3.39
C MET A 160 7.44 6.31 -4.22
N PHE A 161 8.13 6.35 -5.35
CA PHE A 161 7.84 7.35 -6.37
C PHE A 161 7.84 6.75 -7.77
N CYS A 162 7.13 7.39 -8.69
CA CYS A 162 7.16 6.96 -10.09
C CYS A 162 8.21 7.74 -10.84
N ALA A 163 8.88 7.07 -11.78
CA ALA A 163 9.71 7.77 -12.76
C ALA A 163 9.52 7.12 -14.11
N GLY A 164 9.74 7.92 -15.15
CA GLY A 164 9.61 7.42 -16.50
C GLY A 164 8.75 8.31 -17.38
N TYR A 165 8.03 7.67 -18.29
CA TYR A 165 7.31 8.36 -19.35
C TYR A 165 5.90 7.80 -19.50
N LEU A 166 4.91 8.62 -19.16
CA LEU A 166 3.52 8.20 -19.27
C LEU A 166 3.15 7.80 -20.71
N GLU A 167 3.88 8.32 -21.69
CA GLU A 167 3.57 7.97 -23.06
C GLU A 167 4.10 6.58 -23.42
N GLY A 168 4.80 5.93 -22.49
CA GLY A 168 5.33 4.59 -22.72
C GLY A 168 6.60 4.56 -23.55
N GLY A 169 7.18 3.37 -23.71
CA GLY A 169 8.35 3.18 -24.56
C GLY A 169 9.70 3.16 -23.86
N LYS A 170 9.78 3.80 -22.70
CA LYS A 170 11.04 3.81 -21.94
C LYS A 170 10.76 3.52 -20.48
N ASP A 171 11.43 2.50 -19.93
CA ASP A 171 11.13 2.02 -18.58
C ASP A 171 12.19 1.04 -18.10
N SER A 172 12.19 0.75 -16.81
CA SER A 172 12.92 -0.41 -16.30
C SER A 172 12.00 -1.63 -16.45
N CYS A 173 12.53 -2.84 -16.22
CA CYS A 173 11.78 -4.08 -16.51
C CYS A 173 12.34 -5.24 -15.69
N GLN A 174 11.72 -6.41 -15.78
CA GLN A 174 12.19 -7.59 -15.04
C GLN A 174 13.67 -7.79 -15.25
N GLY A 175 14.41 -7.90 -14.14
CA GLY A 175 15.85 -8.08 -14.15
C GLY A 175 16.54 -6.80 -13.70
N ASP A 176 15.78 -5.71 -13.61
CA ASP A 176 16.32 -4.43 -13.15
C ASP A 176 16.14 -4.14 -11.64
N SER A 177 15.20 -4.84 -11.00
CA SER A 177 14.91 -4.68 -9.58
C SER A 177 16.15 -4.64 -8.70
N GLY A 178 16.15 -3.77 -7.70
CA GLY A 178 17.28 -3.62 -6.81
C GLY A 178 18.26 -2.58 -7.31
N GLY A 179 18.19 -2.28 -8.59
CA GLY A 179 19.15 -1.40 -9.23
C GLY A 179 18.93 0.06 -8.89
N PRO A 180 19.91 0.90 -9.28
CA PRO A 180 19.98 2.33 -8.96
C PRO A 180 19.07 3.25 -9.75
N VAL A 181 18.50 4.24 -9.05
CA VAL A 181 17.99 5.45 -9.70
C VAL A 181 18.83 6.59 -9.14
N VAL A 182 19.73 7.12 -9.94
CA VAL A 182 20.61 8.18 -9.45
C VAL A 182 20.28 9.54 -10.07
N CYS A 183 20.13 10.54 -9.22
CA CYS A 183 19.83 11.88 -9.67
C CYS A 183 20.87 12.85 -9.11
N SER A 184 21.60 13.51 -10.01
CA SER A 184 22.71 14.40 -9.65
C SER A 184 23.63 13.81 -8.58
N GLY A 185 24.20 12.64 -8.87
CA GLY A 185 25.20 12.04 -8.01
C GLY A 185 24.66 11.35 -6.77
N LYS A 186 23.35 11.40 -6.55
CA LYS A 186 22.77 10.76 -5.37
C LYS A 186 21.83 9.60 -5.70
N LEU A 187 21.88 8.57 -4.88
CA LEU A 187 20.98 7.43 -5.03
C LEU A 187 19.61 7.76 -4.43
N GLN A 188 18.66 8.11 -5.29
CA GLN A 188 17.32 8.47 -4.82
C GLN A 188 16.31 7.31 -4.85
N GLY A 189 16.53 6.34 -5.74
CA GLY A 189 15.55 5.27 -5.91
C GLY A 189 16.12 3.89 -6.12
N ILE A 190 15.29 2.87 -5.88
CA ILE A 190 15.63 1.49 -6.15
C ILE A 190 14.57 0.95 -7.10
N VAL A 191 14.97 0.33 -8.22
CA VAL A 191 13.99 -0.26 -9.13
C VAL A 191 13.13 -1.25 -8.34
N SER A 192 11.81 -1.12 -8.43
CA SER A 192 10.95 -1.97 -7.61
C SER A 192 9.84 -2.75 -8.35
N TRP A 193 8.87 -2.03 -8.90
CA TRP A 193 7.74 -2.69 -9.54
C TRP A 193 7.05 -1.82 -10.61
N GLY A 194 6.09 -2.42 -11.32
CA GLY A 194 5.32 -1.73 -12.33
C GLY A 194 4.42 -2.70 -13.07
N SER A 195 3.48 -2.17 -13.83
CA SER A 195 2.60 -3.01 -14.63
C SER A 195 3.22 -3.14 -16.02
N GLY A 196 3.60 -4.35 -16.37
CA GLY A 196 4.35 -4.58 -17.60
C GLY A 196 5.62 -3.75 -17.59
N CYS A 197 6.11 -3.41 -18.77
CA CYS A 197 7.28 -2.54 -18.89
C CYS A 197 7.05 -1.56 -20.05
N ALA A 198 7.24 -0.27 -19.78
CA ALA A 198 7.15 0.73 -20.83
C ALA A 198 5.77 0.79 -21.46
N GLN A 199 4.73 0.47 -20.69
CA GLN A 199 3.36 0.61 -21.15
C GLN A 199 2.85 2.00 -20.85
N LYS A 200 2.00 2.52 -21.75
CA LYS A 200 1.40 3.84 -21.56
C LYS A 200 0.66 3.93 -20.24
N ASN A 201 0.89 5.03 -19.53
CA ASN A 201 0.27 5.30 -18.25
C ASN A 201 0.61 4.28 -17.16
N LYS A 202 1.67 3.51 -17.39
CA LYS A 202 2.15 2.56 -16.39
C LYS A 202 3.65 2.71 -16.21
N PRO A 203 4.05 3.80 -15.55
CA PRO A 203 5.47 4.09 -15.38
C PRO A 203 6.11 3.17 -14.32
N GLY A 204 7.41 3.32 -14.12
CA GLY A 204 8.10 2.55 -13.10
C GLY A 204 7.87 3.10 -11.72
N VAL A 205 7.82 2.19 -10.74
CA VAL A 205 7.70 2.56 -9.34
C VAL A 205 8.99 2.18 -8.63
N TYR A 206 9.46 3.08 -7.79
CA TYR A 206 10.77 2.96 -7.17
C TYR A 206 10.72 3.21 -5.67
N THR A 207 11.57 2.53 -4.92
CA THR A 207 11.70 2.76 -3.49
C THR A 207 12.33 4.12 -3.25
N LYS A 208 11.74 4.90 -2.35
CA LYS A 208 12.21 6.26 -2.08
C LYS A 208 13.35 6.22 -1.08
N VAL A 209 14.58 6.19 -1.60
CA VAL A 209 15.76 5.96 -0.77
C VAL A 209 15.97 7.00 0.33
N CYS A 210 15.57 8.25 0.06
CA CYS A 210 15.78 9.35 1.00
C CYS A 210 15.01 9.12 2.30
N ASN A 211 14.02 8.23 2.28
CA ASN A 211 13.30 7.93 3.51
C ASN A 211 14.05 7.00 4.42
N TYR A 212 15.14 6.43 3.91
CA TYR A 212 15.79 5.32 4.59
C TYR A 212 17.23 5.60 5.00
N VAL A 213 17.70 6.81 4.73
CA VAL A 213 19.10 7.13 4.96
C VAL A 213 19.48 6.79 6.40
N SER A 214 18.59 7.16 7.32
CA SER A 214 18.82 6.92 8.73
C SER A 214 18.85 5.44 9.08
N TRP A 215 17.91 4.67 8.54
CA TRP A 215 17.88 3.23 8.78
C TRP A 215 19.15 2.56 8.24
N ILE A 216 19.64 3.10 7.13
CA ILE A 216 20.82 2.53 6.48
C ILE A 216 22.04 2.68 7.38
N LYS A 217 22.31 3.91 7.78
CA LYS A 217 23.39 4.19 8.72
C LYS A 217 23.33 3.30 9.97
N GLN A 218 22.18 3.31 10.64
CA GLN A 218 22.05 2.59 11.90
C GLN A 218 22.24 1.09 11.69
N THR A 219 21.73 0.59 10.57
CA THR A 219 21.79 -0.85 10.31
C THR A 219 23.22 -1.25 10.05
N ILE A 220 23.94 -0.42 9.31
CA ILE A 220 25.34 -0.73 9.02
C ILE A 220 26.16 -0.74 10.32
N ALA A 221 25.92 0.25 11.15
CA ALA A 221 26.67 0.41 12.37
C ALA A 221 26.47 -0.75 13.36
N SER A 222 25.28 -1.35 13.36
CA SER A 222 25.00 -2.43 14.30
C SER A 222 25.17 -3.85 13.69
N ASN A 223 25.77 -3.93 12.50
CA ASN A 223 25.91 -5.22 11.81
C ASN A 223 27.28 -5.40 11.16
N GLN B 13 19.49 -18.29 -19.66
CA GLN B 13 19.24 -19.72 -19.80
C GLN B 13 18.71 -20.37 -18.51
N CYS B 14 17.40 -20.57 -18.43
CA CYS B 14 16.78 -21.25 -17.29
C CYS B 14 16.63 -22.72 -17.65
N SER B 15 16.20 -23.55 -16.70
CA SER B 15 16.10 -24.99 -16.96
C SER B 15 14.67 -25.47 -17.23
N GLY B 16 14.53 -26.46 -18.10
CA GLY B 16 13.23 -27.05 -18.36
C GLY B 16 12.38 -26.23 -19.31
N LYS B 17 11.12 -26.63 -19.46
CA LYS B 17 10.21 -25.97 -20.38
C LYS B 17 10.06 -24.49 -19.99
N GLN B 18 10.10 -23.58 -20.96
CA GLN B 18 10.10 -22.13 -20.69
C GLN B 18 8.83 -21.35 -21.05
N GLU B 19 7.99 -21.90 -21.93
CA GLU B 19 6.84 -21.17 -22.45
C GLU B 19 5.68 -22.08 -22.74
N TRP B 20 4.46 -21.60 -22.51
CA TRP B 20 3.26 -22.41 -22.69
C TRP B 20 2.22 -21.75 -23.62
N PRO B 21 2.54 -21.64 -24.92
CA PRO B 21 1.62 -21.08 -25.92
C PRO B 21 0.26 -21.79 -25.93
N GLU B 22 0.26 -23.10 -25.66
CA GLU B 22 -0.95 -23.92 -25.70
C GLU B 22 -1.95 -23.55 -24.63
N LEU B 23 -1.50 -22.85 -23.60
CA LEU B 23 -2.35 -22.56 -22.46
C LEU B 23 -3.16 -21.24 -22.59
N VAL B 24 -2.83 -20.41 -23.57
CA VAL B 24 -3.60 -19.20 -23.83
C VAL B 24 -5.05 -19.64 -24.11
N GLY B 25 -6.01 -19.02 -23.44
CA GLY B 25 -7.41 -19.40 -23.60
C GLY B 25 -7.90 -20.45 -22.59
N GLU B 26 -6.99 -21.02 -21.82
CA GLU B 26 -7.35 -22.05 -20.83
C GLU B 26 -7.69 -21.41 -19.49
N ARG B 27 -8.35 -22.15 -18.60
CA ARG B 27 -8.64 -21.61 -17.28
C ARG B 27 -7.33 -21.46 -16.52
N GLY B 28 -7.19 -20.36 -15.79
CA GLY B 28 -5.98 -20.10 -15.03
C GLY B 28 -5.57 -21.25 -14.12
N SER B 29 -6.45 -21.61 -13.20
CA SER B 29 -6.15 -22.63 -12.21
C SER B 29 -5.73 -23.93 -12.88
N LYS B 30 -6.33 -24.23 -14.02
CA LYS B 30 -6.00 -25.44 -14.76
C LYS B 30 -4.60 -25.33 -15.37
N ALA B 31 -4.30 -24.16 -15.96
CA ALA B 31 -2.99 -23.92 -16.57
C ALA B 31 -1.86 -23.99 -15.54
N ALA B 32 -2.10 -23.40 -14.37
CA ALA B 32 -1.12 -23.41 -13.29
C ALA B 32 -0.68 -24.81 -12.94
N LYS B 33 -1.66 -25.73 -12.86
CA LYS B 33 -1.35 -27.12 -12.53
C LYS B 33 -0.51 -27.78 -13.62
N ILE B 34 -0.90 -27.54 -14.88
CA ILE B 34 -0.14 -28.09 -15.99
C ILE B 34 1.29 -27.57 -16.03
N ILE B 35 1.45 -26.27 -15.80
CA ILE B 35 2.76 -25.65 -15.82
C ILE B 35 3.66 -26.28 -14.77
N GLU B 36 3.14 -26.38 -13.55
CA GLU B 36 3.92 -26.93 -12.45
C GLU B 36 4.24 -28.41 -12.65
N ASN B 37 3.37 -29.12 -13.35
CA ASN B 37 3.65 -30.52 -13.69
C ASN B 37 4.71 -30.71 -14.76
N GLU B 38 4.75 -29.78 -15.72
CA GLU B 38 5.64 -29.90 -16.87
C GLU B 38 7.03 -29.31 -16.58
N ASN B 39 7.12 -28.48 -15.55
CA ASN B 39 8.40 -27.95 -15.12
C ASN B 39 8.40 -27.89 -13.60
N GLU B 40 8.99 -28.91 -12.98
CA GLU B 40 8.90 -29.06 -11.55
C GLU B 40 9.69 -28.03 -10.77
N ASP B 41 10.47 -27.21 -11.48
CA ASP B 41 11.29 -26.20 -10.79
C ASP B 41 10.61 -24.83 -10.63
N VAL B 42 9.42 -24.68 -11.19
CA VAL B 42 8.75 -23.38 -11.12
C VAL B 42 7.48 -23.46 -10.30
N ARG B 43 7.07 -22.31 -9.79
CA ARG B 43 5.76 -22.17 -9.21
C ARG B 43 4.94 -21.25 -10.11
N ALA B 44 3.72 -21.67 -10.45
CA ALA B 44 2.80 -20.81 -11.22
C ALA B 44 2.01 -19.89 -10.30
N ILE B 45 1.95 -18.61 -10.68
CA ILE B 45 1.23 -17.61 -9.91
C ILE B 45 0.13 -16.99 -10.74
N VAL B 46 -1.12 -17.33 -10.44
CA VAL B 46 -2.23 -16.78 -11.19
C VAL B 46 -2.53 -15.35 -10.75
N LEU B 47 -2.48 -14.41 -11.71
CA LEU B 47 -2.78 -13.01 -11.42
C LEU B 47 -3.80 -12.45 -12.39
N PRO B 48 -4.61 -11.48 -11.92
CA PRO B 48 -5.47 -10.77 -12.88
C PRO B 48 -4.61 -10.04 -13.88
N GLU B 49 -5.01 -10.13 -15.13
CA GLU B 49 -4.41 -9.38 -16.22
C GLU B 49 -4.22 -7.93 -15.82
N GLY B 50 -3.03 -7.38 -16.07
CA GLY B 50 -2.74 -6.00 -15.69
C GLY B 50 -2.23 -5.81 -14.27
N SER B 51 -2.21 -6.88 -13.48
CA SER B 51 -1.60 -6.82 -12.14
C SER B 51 -0.16 -6.33 -12.20
N ALA B 52 0.19 -5.41 -11.32
CA ALA B 52 1.58 -4.96 -11.19
C ALA B 52 2.43 -6.07 -10.57
N VAL B 53 3.70 -6.12 -10.93
CA VAL B 53 4.57 -7.21 -10.49
C VAL B 53 5.96 -6.69 -10.17
N PRO B 54 6.70 -7.42 -9.31
CA PRO B 54 8.09 -7.05 -9.04
C PRO B 54 8.93 -7.15 -10.31
N ARG B 55 10.06 -6.47 -10.32
CA ARG B 55 10.90 -6.43 -11.50
C ARG B 55 12.20 -7.21 -11.33
N ASP B 56 12.11 -8.31 -10.58
CA ASP B 56 13.22 -9.24 -10.50
C ASP B 56 13.09 -10.25 -11.64
N LEU B 57 14.13 -11.06 -11.83
CA LEU B 57 14.16 -12.04 -12.90
C LEU B 57 14.31 -13.39 -12.24
N ARG B 58 13.40 -14.32 -12.50
CA ARG B 58 13.49 -15.62 -11.84
C ARG B 58 13.41 -16.81 -12.78
N CYS B 59 14.06 -17.91 -12.42
CA CYS B 59 13.97 -19.13 -13.21
C CYS B 59 12.96 -20.07 -12.58
N ASP B 60 12.38 -19.67 -11.47
CA ASP B 60 11.45 -20.54 -10.77
C ASP B 60 10.03 -19.98 -10.73
N ARG B 61 9.73 -19.02 -11.60
CA ARG B 61 8.44 -18.33 -11.53
C ARG B 61 7.75 -18.28 -12.88
N VAL B 62 6.46 -18.59 -12.90
CA VAL B 62 5.67 -18.39 -14.10
C VAL B 62 4.38 -17.64 -13.76
N TRP B 63 4.27 -16.38 -14.15
CA TRP B 63 3.02 -15.66 -13.96
C TRP B 63 1.99 -16.21 -14.95
N VAL B 64 0.75 -16.36 -14.49
CA VAL B 64 -0.34 -16.75 -15.35
C VAL B 64 -1.39 -15.67 -15.26
N PHE B 65 -1.48 -14.86 -16.30
CA PHE B 65 -2.41 -13.73 -16.27
C PHE B 65 -3.77 -14.10 -16.85
N VAL B 66 -4.82 -13.81 -16.08
CA VAL B 66 -6.18 -14.18 -16.45
C VAL B 66 -7.10 -12.98 -16.58
N ASP B 67 -8.07 -13.06 -17.47
CA ASP B 67 -9.08 -12.01 -17.56
C ASP B 67 -10.12 -12.25 -16.47
N GLU B 68 -11.21 -11.50 -16.52
CA GLU B 68 -12.22 -11.59 -15.47
C GLU B 68 -13.00 -12.89 -15.48
N ARG B 69 -12.83 -13.67 -16.55
CA ARG B 69 -13.43 -14.99 -16.64
C ARG B 69 -12.43 -16.06 -16.24
N GLY B 70 -11.29 -15.62 -15.69
CA GLY B 70 -10.25 -16.54 -15.28
C GLY B 70 -9.58 -17.28 -16.43
N VAL B 71 -9.62 -16.68 -17.62
CA VAL B 71 -9.04 -17.30 -18.81
C VAL B 71 -7.64 -16.73 -19.05
N VAL B 72 -6.69 -17.61 -19.38
CA VAL B 72 -5.31 -17.21 -19.59
C VAL B 72 -5.21 -16.29 -20.79
N VAL B 73 -4.66 -15.11 -20.55
CA VAL B 73 -4.81 -14.00 -21.47
C VAL B 73 -3.54 -13.79 -22.30
N ASP B 74 -2.43 -14.35 -21.83
CA ASP B 74 -1.19 -14.29 -22.59
C ASP B 74 -0.31 -15.50 -22.28
N THR B 75 0.66 -15.76 -23.16
CA THR B 75 1.58 -16.90 -23.03
C THR B 75 2.34 -16.89 -21.69
N PRO B 76 2.09 -17.88 -20.83
CA PRO B 76 2.90 -17.92 -19.60
C PRO B 76 4.35 -18.28 -19.93
N VAL B 77 5.30 -17.59 -19.32
CA VAL B 77 6.70 -17.90 -19.50
C VAL B 77 7.40 -17.84 -18.17
N VAL B 78 8.56 -18.49 -18.10
CA VAL B 78 9.44 -18.42 -16.92
C VAL B 78 10.11 -17.05 -16.93
N MET B 79 9.94 -16.31 -15.82
CA MET B 79 10.46 -14.96 -15.70
C MET B 79 10.15 -14.51 -14.29
N ILE C 1 -21.19 10.41 12.53
CA ILE C 1 -22.21 10.56 11.50
C ILE C 1 -22.70 12.00 11.47
N VAL C 2 -22.50 12.71 10.37
CA VAL C 2 -23.08 14.07 10.30
C VAL C 2 -24.34 14.18 9.43
N GLY C 3 -25.31 14.90 9.95
CA GLY C 3 -26.57 15.13 9.27
C GLY C 3 -27.46 13.91 9.41
N GLY C 4 -27.18 13.08 10.40
CA GLY C 4 -27.94 11.87 10.62
C GLY C 4 -29.03 12.01 11.66
N TYR C 5 -29.41 10.90 12.29
CA TYR C 5 -30.44 10.90 13.31
C TYR C 5 -30.14 9.85 14.39
N THR C 6 -30.71 10.03 15.57
CA THR C 6 -30.54 9.07 16.64
C THR C 6 -31.22 7.74 16.32
N CYS C 7 -30.44 6.66 16.20
CA CYS C 7 -31.00 5.35 15.84
C CYS C 7 -32.06 4.90 16.82
N GLY C 8 -31.78 5.05 18.11
CA GLY C 8 -32.64 4.48 19.13
C GLY C 8 -32.06 3.15 19.56
N ALA C 9 -32.19 2.86 20.85
CA ALA C 9 -31.56 1.69 21.45
C ALA C 9 -31.92 0.38 20.75
N ASN C 10 -30.89 -0.43 20.51
CA ASN C 10 -31.08 -1.78 19.97
C ASN C 10 -31.69 -1.81 18.57
N THR C 11 -31.71 -0.67 17.89
CA THR C 11 -32.20 -0.66 16.50
C THR C 11 -31.12 -1.04 15.51
N VAL C 12 -29.86 -1.04 15.94
CA VAL C 12 -28.77 -1.51 15.09
C VAL C 12 -27.95 -2.55 15.88
N PRO C 13 -28.52 -3.76 16.05
CA PRO C 13 -27.98 -4.75 17.01
C PRO C 13 -26.62 -5.32 16.63
N TYR C 14 -26.22 -5.21 15.36
CA TYR C 14 -24.92 -5.69 14.90
C TYR C 14 -23.80 -4.64 15.08
N GLN C 15 -24.17 -3.40 15.45
CA GLN C 15 -23.18 -2.32 15.58
C GLN C 15 -22.25 -2.54 16.75
N VAL C 16 -20.96 -2.41 16.49
CA VAL C 16 -19.97 -2.65 17.51
C VAL C 16 -19.13 -1.38 17.70
N SER C 17 -18.69 -1.15 18.93
CA SER C 17 -17.72 -0.08 19.23
C SER C 17 -16.38 -0.69 19.60
N LEU C 18 -15.32 -0.27 18.94
CA LEU C 18 -13.99 -0.72 19.29
C LEU C 18 -13.38 0.26 20.28
N ASN C 19 -12.87 -0.27 21.39
CA ASN C 19 -12.44 0.57 22.50
C ASN C 19 -11.06 0.16 23.01
N SER C 20 -10.16 1.15 23.05
CA SER C 20 -8.79 0.94 23.50
C SER C 20 -8.50 1.89 24.66
N GLY C 21 -9.52 2.20 25.44
CA GLY C 21 -9.41 3.26 26.42
C GLY C 21 -10.45 4.30 26.05
N TYR C 22 -10.63 4.48 24.75
CA TYR C 22 -11.73 5.28 24.24
C TYR C 22 -12.28 4.63 22.97
N HIS C 23 -13.52 4.99 22.61
CA HIS C 23 -14.06 4.59 21.33
C HIS C 23 -13.26 5.20 20.18
N PHE C 24 -12.76 4.38 19.28
CA PHE C 24 -11.92 4.89 18.22
C PHE C 24 -12.38 4.49 16.80
N CYS C 25 -13.24 3.49 16.73
CA CYS C 25 -13.72 2.93 15.46
C CYS C 25 -14.98 2.14 15.74
N GLY C 26 -15.75 1.83 14.69
CA GLY C 26 -16.87 0.92 14.82
C GLY C 26 -16.54 -0.43 14.22
N GLY C 27 -17.53 -1.32 14.20
CA GLY C 27 -17.37 -2.64 13.63
C GLY C 27 -18.74 -3.27 13.44
N SER C 28 -18.80 -4.36 12.70
CA SER C 28 -20.05 -5.11 12.53
C SER C 28 -19.91 -6.59 12.96
N LEU C 29 -20.82 -7.04 13.83
CA LEU C 29 -20.86 -8.43 14.27
C LEU C 29 -21.44 -9.34 13.18
N ILE C 30 -20.64 -10.27 12.65
CA ILE C 30 -21.13 -11.11 11.57
C ILE C 30 -21.53 -12.50 12.04
N ASN C 31 -21.02 -12.88 13.20
CA ASN C 31 -21.50 -14.07 13.91
C ASN C 31 -21.12 -13.97 15.38
N SER C 32 -21.45 -15.00 16.14
CA SER C 32 -21.34 -14.90 17.58
C SER C 32 -19.90 -14.68 18.03
N GLN C 33 -18.94 -14.95 17.15
CA GLN C 33 -17.54 -14.85 17.57
C GLN C 33 -16.63 -13.96 16.72
N TRP C 34 -17.18 -13.32 15.69
CA TRP C 34 -16.36 -12.54 14.76
C TRP C 34 -16.94 -11.17 14.40
N VAL C 35 -16.06 -10.18 14.37
CA VAL C 35 -16.43 -8.81 14.02
C VAL C 35 -15.70 -8.38 12.74
N VAL C 36 -16.41 -7.71 11.84
CA VAL C 36 -15.76 -7.10 10.69
C VAL C 36 -15.54 -5.62 10.93
N SER C 37 -14.32 -5.14 10.68
CA SER C 37 -14.00 -3.73 10.84
C SER C 37 -13.04 -3.30 9.72
N ALA C 38 -12.49 -2.09 9.84
CA ALA C 38 -11.50 -1.59 8.89
C ALA C 38 -10.09 -1.97 9.31
N ALA C 39 -9.25 -2.28 8.33
CA ALA C 39 -7.86 -2.60 8.62
C ALA C 39 -7.14 -1.45 9.33
N HIS C 40 -7.46 -0.20 9.01
CA HIS C 40 -6.73 0.90 9.63
C HIS C 40 -7.18 1.11 11.09
N CYS C 41 -8.18 0.36 11.51
CA CYS C 41 -8.59 0.32 12.91
C CYS C 41 -7.79 -0.68 13.74
N TYR C 42 -6.89 -1.44 13.10
CA TYR C 42 -6.11 -2.42 13.84
C TYR C 42 -5.31 -1.80 14.98
N LYS C 43 -5.30 -2.50 16.11
CA LYS C 43 -4.34 -2.25 17.18
C LYS C 43 -4.38 -3.43 18.14
N SER C 44 -3.35 -3.59 18.96
CA SER C 44 -3.38 -4.69 19.91
C SER C 44 -4.19 -4.28 21.14
N GLY C 45 -4.80 -5.25 21.81
CA GLY C 45 -5.56 -4.95 23.01
C GLY C 45 -6.85 -4.19 22.75
N ILE C 46 -7.53 -4.56 21.67
CA ILE C 46 -8.84 -4.01 21.39
C ILE C 46 -9.88 -4.67 22.29
N GLN C 47 -10.72 -3.85 22.92
CA GLN C 47 -11.89 -4.37 23.59
C GLN C 47 -13.09 -4.12 22.69
N VAL C 48 -13.87 -5.17 22.43
CA VAL C 48 -15.08 -5.04 21.62
C VAL C 48 -16.31 -4.82 22.49
N ARG C 49 -17.06 -3.76 22.19
CA ARG C 49 -18.25 -3.45 22.98
C ARG C 49 -19.53 -3.62 22.17
N LEU C 50 -20.28 -4.67 22.51
CA LEU C 50 -21.53 -4.97 21.84
C LEU C 50 -22.74 -4.50 22.67
N GLY C 51 -23.90 -4.39 22.03
CA GLY C 51 -25.11 -3.99 22.72
C GLY C 51 -25.04 -2.58 23.28
N GLU C 52 -24.15 -1.76 22.72
CA GLU C 52 -24.05 -0.36 23.14
C GLU C 52 -25.14 0.49 22.51
N ASP C 53 -25.66 1.43 23.28
CA ASP C 53 -26.37 2.54 22.67
C ASP C 53 -25.66 3.82 23.06
N ASN C 54 -25.79 4.20 24.32
CA ASN C 54 -25.02 5.31 24.87
C ASN C 54 -23.67 4.78 25.34
N ILE C 55 -22.58 5.09 24.65
CA ILE C 55 -21.29 4.49 24.99
C ILE C 55 -20.67 5.03 26.28
N ASN C 56 -21.32 6.02 26.89
CA ASN C 56 -20.83 6.63 28.10
C ASN C 56 -21.68 6.30 29.30
N VAL C 57 -22.76 5.58 29.09
CA VAL C 57 -23.62 5.17 30.18
C VAL C 57 -23.94 3.69 30.04
N VAL C 58 -23.62 2.89 31.05
CA VAL C 58 -24.03 1.49 31.03
C VAL C 58 -25.53 1.43 31.21
N GLU C 59 -26.23 0.93 30.18
CA GLU C 59 -27.70 0.95 30.19
C GLU C 59 -28.31 -0.43 30.34
N GLY C 60 -27.53 -1.49 30.08
CA GLY C 60 -28.03 -2.82 30.35
C GLY C 60 -27.81 -3.91 29.30
N ASN C 61 -27.52 -3.52 28.07
CA ASN C 61 -27.37 -4.51 27.02
C ASN C 61 -25.93 -4.74 26.63
N GLU C 62 -25.01 -4.06 27.29
CA GLU C 62 -23.60 -4.14 26.91
C GLU C 62 -23.00 -5.54 27.10
N GLN C 63 -22.14 -5.92 26.18
CA GLN C 63 -21.24 -7.03 26.36
C GLN C 63 -19.89 -6.49 25.95
N PHE C 64 -18.96 -6.38 26.89
CA PHE C 64 -17.59 -5.97 26.60
C PHE C 64 -16.76 -7.24 26.53
N ILE C 65 -16.15 -7.50 25.38
CA ILE C 65 -15.36 -8.70 25.19
C ILE C 65 -14.02 -8.38 24.55
N SER C 66 -12.95 -8.93 25.10
CA SER C 66 -11.63 -8.73 24.53
C SER C 66 -11.49 -9.38 23.16
N ALA C 67 -10.71 -8.76 22.28
CA ALA C 67 -10.37 -9.37 21.00
C ALA C 67 -9.25 -10.34 21.26
N SER C 68 -9.41 -11.59 20.82
CA SER C 68 -8.35 -12.56 20.97
C SER C 68 -7.36 -12.43 19.81
N LYS C 69 -7.87 -12.07 18.62
CA LYS C 69 -7.01 -11.71 17.49
C LYS C 69 -7.69 -10.82 16.45
N SER C 70 -6.87 -10.07 15.73
CA SER C 70 -7.36 -9.16 14.71
C SER C 70 -6.60 -9.40 13.42
N ILE C 71 -7.24 -10.05 12.46
CA ILE C 71 -6.58 -10.38 11.19
C ILE C 71 -6.81 -9.30 10.13
N VAL C 72 -5.75 -8.59 9.80
CA VAL C 72 -5.84 -7.60 8.73
C VAL C 72 -5.71 -8.26 7.36
N HIS C 73 -6.45 -7.78 6.37
CA HIS C 73 -6.33 -8.32 5.03
C HIS C 73 -4.89 -8.31 4.56
N PRO C 74 -4.44 -9.42 3.97
CA PRO C 74 -3.03 -9.61 3.57
C PRO C 74 -2.57 -8.48 2.64
N SER C 75 -3.48 -7.97 1.81
CA SER C 75 -3.12 -6.96 0.83
C SER C 75 -3.52 -5.53 1.21
N TYR C 76 -3.84 -5.33 2.49
CA TYR C 76 -4.11 -4.00 3.00
C TYR C 76 -2.98 -3.01 2.75
N ASN C 77 -3.31 -1.85 2.21
CA ASN C 77 -2.34 -0.80 1.94
C ASN C 77 -2.63 0.35 2.88
N SER C 78 -1.79 0.48 3.92
CA SER C 78 -1.97 1.50 4.94
C SER C 78 -1.96 2.91 4.37
N ASN C 79 -1.37 3.09 3.21
CA ASN C 79 -1.31 4.44 2.61
C ASN C 79 -2.53 4.81 1.78
N THR C 80 -3.00 3.89 0.94
CA THR C 80 -4.10 4.18 0.02
C THR C 80 -5.42 3.66 0.59
N LEU C 81 -5.32 2.81 1.61
CA LEU C 81 -6.48 2.19 2.22
C LEU C 81 -7.22 1.18 1.32
N ASN C 82 -6.55 0.70 0.27
CA ASN C 82 -7.07 -0.42 -0.53
C ASN C 82 -7.07 -1.71 0.31
N ASN C 83 -8.13 -2.50 0.20
CA ASN C 83 -8.30 -3.69 1.03
C ASN C 83 -8.37 -3.33 2.51
N ASP C 84 -9.14 -2.27 2.80
CA ASP C 84 -9.31 -1.80 4.17
C ASP C 84 -10.35 -2.64 4.89
N ILE C 85 -9.98 -3.87 5.23
CA ILE C 85 -10.89 -4.77 5.94
C ILE C 85 -10.11 -5.59 6.94
N MET C 86 -10.76 -5.89 8.06
CA MET C 86 -10.10 -6.59 9.16
C MET C 86 -11.12 -7.49 9.83
N LEU C 87 -10.66 -8.66 10.28
CA LEU C 87 -11.49 -9.55 11.07
C LEU C 87 -11.02 -9.59 12.51
N ILE C 88 -11.96 -9.47 13.45
CA ILE C 88 -11.60 -9.57 14.85
C ILE C 88 -12.33 -10.75 15.47
N LYS C 89 -11.57 -11.66 16.07
CA LYS C 89 -12.17 -12.77 16.80
C LYS C 89 -12.38 -12.41 18.26
N LEU C 90 -13.56 -12.74 18.79
CA LEU C 90 -13.85 -12.43 20.19
C LEU C 90 -13.27 -13.52 21.10
N LYS C 91 -12.71 -13.12 22.23
CA LYS C 91 -12.14 -14.11 23.14
C LYS C 91 -13.19 -15.11 23.60
N SER C 92 -14.41 -14.63 23.80
CA SER C 92 -15.52 -15.52 24.11
C SER C 92 -16.69 -15.12 23.22
N ALA C 93 -17.57 -16.07 22.95
CA ALA C 93 -18.68 -15.78 22.08
C ALA C 93 -19.65 -14.81 22.73
N ALA C 94 -20.19 -13.90 21.92
CA ALA C 94 -21.21 -12.97 22.38
C ALA C 94 -22.52 -13.74 22.58
N SER C 95 -23.37 -13.26 23.47
CA SER C 95 -24.69 -13.85 23.66
C SER C 95 -25.70 -13.21 22.71
N LEU C 96 -26.27 -13.99 21.81
CA LEU C 96 -27.17 -13.44 20.78
C LEU C 96 -28.65 -13.63 21.10
N VAL C 100 -28.39 -7.48 20.67
CA VAL C 100 -27.15 -7.95 20.09
C VAL C 100 -27.46 -9.08 19.12
N ALA C 101 -27.11 -8.87 17.85
CA ALA C 101 -27.36 -9.85 16.81
C ALA C 101 -26.38 -9.64 15.67
N SER C 102 -26.17 -10.68 14.86
CA SER C 102 -25.23 -10.58 13.75
C SER C 102 -25.93 -10.03 12.51
N ILE C 103 -25.13 -9.53 11.58
CA ILE C 103 -25.65 -9.02 10.32
C ILE C 103 -25.12 -9.95 9.24
N SER C 104 -25.96 -10.27 8.27
CA SER C 104 -25.57 -11.23 7.24
C SER C 104 -24.61 -10.60 6.22
N LEU C 105 -23.72 -11.41 5.67
CA LEU C 105 -22.85 -10.99 4.59
C LEU C 105 -23.63 -10.92 3.28
N PRO C 106 -23.12 -10.19 2.27
CA PRO C 106 -23.81 -10.09 0.98
C PRO C 106 -23.59 -11.32 0.13
N THR C 107 -24.56 -11.67 -0.71
CA THR C 107 -24.38 -12.70 -1.73
C THR C 107 -24.17 -12.08 -3.10
N SER C 108 -24.61 -10.84 -3.27
CA SER C 108 -24.18 -10.06 -4.44
C SER C 108 -23.87 -8.60 -4.10
N CYS C 109 -23.05 -7.97 -4.93
CA CYS C 109 -22.71 -6.58 -4.78
C CYS C 109 -23.92 -5.70 -5.04
N ALA C 110 -24.09 -4.66 -4.23
CA ALA C 110 -25.21 -3.72 -4.44
C ALA C 110 -24.86 -2.79 -5.58
N SER C 111 -25.88 -2.22 -6.20
CA SER C 111 -25.63 -1.32 -7.32
C SER C 111 -25.78 0.13 -6.91
N ALA C 112 -25.17 1.04 -7.68
CA ALA C 112 -25.38 2.48 -7.49
C ALA C 112 -26.86 2.83 -7.34
N GLY C 113 -27.17 3.77 -6.46
CA GLY C 113 -28.55 4.15 -6.23
C GLY C 113 -29.22 3.42 -5.09
N THR C 114 -28.65 2.30 -4.66
CA THR C 114 -29.19 1.54 -3.55
C THR C 114 -29.14 2.32 -2.23
N GLN C 115 -30.26 2.34 -1.51
CA GLN C 115 -30.34 3.02 -0.22
C GLN C 115 -29.81 2.15 0.91
N CYS C 116 -28.95 2.73 1.74
CA CYS C 116 -28.28 1.98 2.79
C CYS C 116 -28.33 2.68 4.13
N LEU C 117 -28.01 1.93 5.19
CA LEU C 117 -27.94 2.48 6.54
C LEU C 117 -26.50 2.46 7.05
N ILE C 118 -26.00 3.65 7.32
CA ILE C 118 -24.66 3.83 7.88
C ILE C 118 -24.84 4.33 9.31
N SER C 119 -24.01 3.84 10.23
CA SER C 119 -24.20 4.19 11.62
C SER C 119 -22.88 4.23 12.39
N GLY C 120 -22.89 4.88 13.54
CA GLY C 120 -21.67 5.01 14.31
C GLY C 120 -21.71 6.10 15.37
N TRP C 121 -20.62 6.20 16.14
CA TRP C 121 -20.49 7.20 17.18
C TRP C 121 -19.49 8.28 16.77
N GLY C 122 -19.27 8.41 15.47
CA GLY C 122 -18.34 9.40 14.95
C GLY C 122 -18.78 10.84 15.15
N ASN C 123 -17.85 11.76 14.92
CA ASN C 123 -18.14 13.19 14.95
C ASN C 123 -19.44 13.55 14.19
N THR C 124 -20.22 14.48 14.74
CA THR C 124 -21.49 14.86 14.12
C THR C 124 -21.45 16.22 13.41
N LYS C 125 -20.28 16.85 13.43
CA LYS C 125 -20.13 18.15 12.79
C LYS C 125 -19.26 18.06 11.53
N SER C 126 -19.72 18.72 10.47
CA SER C 126 -18.91 18.90 9.26
C SER C 126 -17.74 19.83 9.57
N SER C 127 -18.01 20.84 10.39
CA SER C 127 -16.97 21.76 10.78
C SER C 127 -17.02 22.00 12.28
N GLY C 128 -15.87 21.88 12.92
CA GLY C 128 -15.82 21.85 14.36
C GLY C 128 -15.97 20.41 14.78
N THR C 129 -16.28 20.20 16.05
CA THR C 129 -16.23 18.85 16.57
C THR C 129 -17.31 18.61 17.62
N SER C 130 -18.02 17.50 17.47
CA SER C 130 -18.98 17.05 18.48
C SER C 130 -19.17 15.52 18.41
N TYR C 131 -18.84 14.84 19.51
CA TYR C 131 -18.88 13.38 19.57
C TYR C 131 -20.05 12.90 20.42
N PRO C 132 -20.96 12.12 19.81
CA PRO C 132 -22.24 11.80 20.44
C PRO C 132 -22.10 10.74 21.53
N ASP C 133 -23.04 10.69 22.48
CA ASP C 133 -23.12 9.58 23.43
C ASP C 133 -23.86 8.39 22.83
N VAL C 134 -24.97 8.66 22.13
CA VAL C 134 -25.81 7.59 21.60
C VAL C 134 -25.56 7.36 20.10
N LEU C 135 -25.91 6.16 19.64
CA LEU C 135 -25.61 5.74 18.28
C LEU C 135 -26.36 6.59 17.26
N LYS C 136 -25.62 7.02 16.24
CA LYS C 136 -26.20 7.81 15.17
C LYS C 136 -26.32 6.99 13.87
N CYS C 137 -27.38 7.28 13.09
CA CYS C 137 -27.69 6.58 11.86
C CYS C 137 -27.84 7.58 10.72
N LEU C 138 -27.59 7.09 9.50
CA LEU C 138 -27.77 7.89 8.30
C LEU C 138 -28.23 6.98 7.16
N LYS C 139 -29.30 7.37 6.48
CA LYS C 139 -29.69 6.69 5.25
C LYS C 139 -29.07 7.41 4.06
N ALA C 140 -28.32 6.68 3.25
CA ALA C 140 -27.62 7.27 2.12
C ALA C 140 -27.53 6.29 0.95
N PRO C 141 -27.53 6.83 -0.29
CA PRO C 141 -27.48 5.95 -1.47
C PRO C 141 -26.05 5.68 -1.90
N ILE C 142 -25.81 4.50 -2.47
CA ILE C 142 -24.55 4.23 -3.14
C ILE C 142 -24.47 5.11 -4.39
N LEU C 143 -23.30 5.68 -4.65
CA LEU C 143 -23.13 6.55 -5.81
C LEU C 143 -22.47 5.81 -6.95
N SER C 144 -22.67 6.31 -8.16
CA SER C 144 -22.10 5.67 -9.35
C SER C 144 -20.59 5.67 -9.26
N ASP C 145 -19.97 4.61 -9.77
CA ASP C 145 -18.51 4.52 -9.75
C ASP C 145 -17.92 5.71 -10.48
N SER C 146 -18.72 6.28 -11.37
CA SER C 146 -18.29 7.41 -12.15
C SER C 146 -18.19 8.65 -11.26
N SER C 147 -19.26 8.95 -10.52
CA SER C 147 -19.24 10.04 -9.55
C SER C 147 -18.08 9.85 -8.60
N CYS C 148 -17.99 8.64 -8.05
CA CYS C 148 -17.00 8.36 -7.02
C CYS C 148 -15.60 8.71 -7.49
N LYS C 149 -15.24 8.19 -8.66
CA LYS C 149 -13.90 8.42 -9.18
C LYS C 149 -13.61 9.89 -9.50
N SER C 150 -14.64 10.62 -9.91
CA SER C 150 -14.49 12.04 -10.24
C SER C 150 -14.24 12.83 -8.97
N ALA C 151 -14.85 12.41 -7.87
CA ALA C 151 -14.72 13.13 -6.61
C ALA C 151 -13.31 12.93 -6.06
N TYR C 152 -12.78 11.73 -6.27
CA TYR C 152 -11.46 11.39 -5.73
C TYR C 152 -10.53 10.82 -6.79
N PRO C 153 -10.12 11.65 -7.74
CA PRO C 153 -9.36 11.17 -8.90
C PRO C 153 -8.08 10.47 -8.46
N GLY C 154 -7.82 9.31 -9.06
CA GLY C 154 -6.59 8.58 -8.81
C GLY C 154 -6.56 7.82 -7.49
N GLN C 155 -7.70 7.70 -6.82
CA GLN C 155 -7.72 7.16 -5.47
C GLN C 155 -8.66 5.99 -5.25
N ILE C 156 -9.64 5.83 -6.13
CA ILE C 156 -10.65 4.81 -5.93
C ILE C 156 -10.24 3.51 -6.60
N THR C 157 -10.27 2.42 -5.86
CA THR C 157 -9.98 1.12 -6.45
C THR C 157 -11.25 0.32 -6.61
N SER C 158 -11.10 -0.89 -7.15
CA SER C 158 -12.24 -1.76 -7.38
C SER C 158 -12.81 -2.29 -6.06
N ASN C 159 -12.05 -2.12 -4.98
CA ASN C 159 -12.47 -2.56 -3.66
C ASN C 159 -13.13 -1.48 -2.81
N MET C 160 -13.54 -0.38 -3.46
CA MET C 160 -14.16 0.75 -2.77
C MET C 160 -15.41 1.20 -3.52
N PHE C 161 -16.36 1.77 -2.78
CA PHE C 161 -17.44 2.53 -3.39
C PHE C 161 -17.76 3.78 -2.57
N CYS C 162 -18.31 4.79 -3.23
CA CYS C 162 -18.74 5.99 -2.56
C CYS C 162 -20.21 5.87 -2.21
N ALA C 163 -20.59 6.41 -1.06
CA ALA C 163 -22.00 6.60 -0.73
C ALA C 163 -22.17 7.93 -0.06
N GLY C 164 -23.38 8.48 -0.18
CA GLY C 164 -23.69 9.74 0.44
C GLY C 164 -24.32 10.71 -0.53
N TYR C 165 -24.00 11.99 -0.32
CA TYR C 165 -24.66 13.08 -1.00
C TYR C 165 -23.65 14.10 -1.52
N LEU C 166 -23.52 14.21 -2.84
CA LEU C 166 -22.59 15.16 -3.45
C LEU C 166 -22.91 16.60 -3.05
N GLU C 167 -24.14 16.86 -2.65
CA GLU C 167 -24.49 18.21 -2.27
C GLU C 167 -23.99 18.52 -0.85
N GLY C 168 -23.40 17.53 -0.18
CA GLY C 168 -22.86 17.71 1.15
C GLY C 168 -23.92 17.72 2.24
N GLY C 169 -23.49 17.83 3.50
CA GLY C 169 -24.40 17.91 4.62
C GLY C 169 -24.69 16.60 5.35
N LYS C 170 -24.54 15.46 4.68
CA LYS C 170 -24.79 14.16 5.32
C LYS C 170 -23.67 13.17 4.97
N ASP C 171 -23.03 12.57 5.98
CA ASP C 171 -21.84 11.76 5.74
C ASP C 171 -21.45 11.02 7.01
N SER C 172 -20.54 10.05 6.88
CA SER C 172 -19.87 9.49 8.04
C SER C 172 -18.64 10.37 8.31
N CYS C 173 -17.98 10.17 9.45
CA CYS C 173 -16.91 11.09 9.87
C CYS C 173 -15.95 10.38 10.83
N GLN C 174 -14.88 11.06 11.26
CA GLN C 174 -13.91 10.49 12.21
C GLN C 174 -14.61 9.87 13.41
N GLY C 175 -14.29 8.62 13.70
CA GLY C 175 -14.94 7.86 14.76
C GLY C 175 -15.92 6.84 14.21
N ASP C 176 -16.25 6.93 12.92
CA ASP C 176 -17.18 6.00 12.29
C ASP C 176 -16.50 4.82 11.57
N SER C 177 -15.22 4.99 11.21
CA SER C 177 -14.41 3.94 10.57
C SER C 177 -14.63 2.54 11.14
N GLY C 178 -14.71 1.55 10.25
CA GLY C 178 -14.86 0.16 10.64
C GLY C 178 -16.33 -0.19 10.76
N GLY C 179 -17.17 0.83 10.87
CA GLY C 179 -18.58 0.61 11.05
C GLY C 179 -19.32 0.17 9.79
N PRO C 180 -20.58 -0.26 9.96
CA PRO C 180 -21.45 -0.88 8.94
C PRO C 180 -22.03 0.07 7.89
N VAL C 181 -22.04 -0.39 6.64
CA VAL C 181 -22.97 0.11 5.65
C VAL C 181 -23.88 -1.05 5.28
N VAL C 182 -25.13 -1.01 5.73
CA VAL C 182 -26.02 -2.11 5.46
C VAL C 182 -27.12 -1.72 4.45
N CYS C 183 -27.28 -2.54 3.42
CA CYS C 183 -28.29 -2.33 2.39
C CYS C 183 -29.20 -3.57 2.30
N SER C 184 -30.48 -3.37 2.61
CA SER C 184 -31.46 -4.47 2.63
C SER C 184 -30.96 -5.71 3.39
N GLY C 185 -30.58 -5.51 4.65
CA GLY C 185 -30.21 -6.61 5.52
C GLY C 185 -28.83 -7.20 5.30
N LYS C 186 -28.07 -6.66 4.35
CA LYS C 186 -26.75 -7.18 4.08
C LYS C 186 -25.66 -6.13 4.30
N LEU C 187 -24.53 -6.56 4.84
CA LEU C 187 -23.37 -5.72 5.04
C LEU C 187 -22.60 -5.52 3.74
N GLN C 188 -22.81 -4.38 3.09
CA GLN C 188 -22.15 -4.12 1.82
C GLN C 188 -20.86 -3.32 1.96
N GLY C 189 -20.74 -2.51 3.01
CA GLY C 189 -19.62 -1.61 3.12
C GLY C 189 -19.07 -1.40 4.52
N ILE C 190 -17.85 -0.90 4.59
CA ILE C 190 -17.23 -0.58 5.86
C ILE C 190 -16.81 0.89 5.76
N VAL C 191 -17.20 1.71 6.72
CA VAL C 191 -16.75 3.11 6.75
C VAL C 191 -15.23 3.16 6.66
N SER C 192 -14.68 3.93 5.74
CA SER C 192 -13.23 3.89 5.52
C SER C 192 -12.53 5.26 5.51
N TRP C 193 -12.83 6.09 4.51
CA TRP C 193 -12.14 7.39 4.38
C TRP C 193 -12.96 8.41 3.60
N GLY C 194 -12.45 9.64 3.53
CA GLY C 194 -13.08 10.72 2.80
C GLY C 194 -12.35 12.03 3.05
N SER C 195 -12.66 13.04 2.24
CA SER C 195 -12.07 14.36 2.43
C SER C 195 -13.00 15.19 3.32
N GLY C 196 -12.53 15.52 4.52
CA GLY C 196 -13.40 16.15 5.50
C GLY C 196 -14.60 15.25 5.76
N CYS C 197 -15.71 15.86 6.13
CA CYS C 197 -16.94 15.13 6.38
C CYS C 197 -18.08 16.00 5.86
N ALA C 198 -18.95 15.41 5.04
CA ALA C 198 -20.14 16.09 4.55
C ALA C 198 -19.83 17.33 3.71
N GLN C 199 -18.69 17.32 3.04
CA GLN C 199 -18.31 18.42 2.17
C GLN C 199 -18.84 18.15 0.77
N LYS C 200 -19.24 19.22 0.08
CA LYS C 200 -19.75 19.11 -1.26
C LYS C 200 -18.74 18.41 -2.17
N ASN C 201 -19.26 17.47 -2.96
CA ASN C 201 -18.44 16.70 -3.90
C ASN C 201 -17.34 15.88 -3.24
N LYS C 202 -17.47 15.62 -1.95
CA LYS C 202 -16.52 14.78 -1.23
C LYS C 202 -17.29 13.77 -0.39
N PRO C 203 -17.88 12.77 -1.04
CA PRO C 203 -18.71 11.80 -0.33
C PRO C 203 -17.85 10.79 0.46
N GLY C 204 -18.52 9.90 1.19
CA GLY C 204 -17.83 8.85 1.92
C GLY C 204 -17.36 7.75 1.01
N VAL C 205 -16.18 7.21 1.33
CA VAL C 205 -15.64 6.06 0.63
C VAL C 205 -15.65 4.86 1.58
N TYR C 206 -16.06 3.72 1.04
CA TYR C 206 -16.32 2.54 1.85
C TYR C 206 -15.67 1.29 1.25
N THR C 207 -15.23 0.37 2.12
CA THR C 207 -14.69 -0.90 1.68
C THR C 207 -15.84 -1.72 1.06
N LYS C 208 -15.60 -2.30 -0.12
CA LYS C 208 -16.63 -3.06 -0.81
C LYS C 208 -16.64 -4.51 -0.28
N VAL C 209 -17.48 -4.76 0.72
CA VAL C 209 -17.49 -6.03 1.45
C VAL C 209 -17.76 -7.25 0.56
N CYS C 210 -18.57 -7.08 -0.51
CA CYS C 210 -18.91 -8.22 -1.37
C CYS C 210 -17.71 -8.80 -2.08
N ASN C 211 -16.60 -8.05 -2.14
CA ASN C 211 -15.39 -8.59 -2.75
C ASN C 211 -14.66 -9.54 -1.81
N TYR C 212 -15.05 -9.57 -0.54
CA TYR C 212 -14.25 -10.22 0.49
C TYR C 212 -14.95 -11.38 1.18
N VAL C 213 -16.16 -11.71 0.75
CA VAL C 213 -16.96 -12.73 1.41
C VAL C 213 -16.16 -14.03 1.48
N SER C 214 -15.48 -14.36 0.40
CA SER C 214 -14.68 -15.56 0.33
C SER C 214 -13.47 -15.54 1.28
N TRP C 215 -12.78 -14.41 1.32
CA TRP C 215 -11.64 -14.25 2.24
C TRP C 215 -12.08 -14.34 3.70
N ILE C 216 -13.26 -13.81 3.98
CA ILE C 216 -13.82 -13.85 5.31
C ILE C 216 -14.05 -15.31 5.76
N LYS C 217 -14.84 -16.04 5.00
CA LYS C 217 -15.09 -17.44 5.30
C LYS C 217 -13.80 -18.23 5.52
N GLN C 218 -12.87 -18.13 4.58
CA GLN C 218 -11.65 -18.93 4.64
C GLN C 218 -10.80 -18.53 5.83
N THR C 219 -10.76 -17.24 6.12
CA THR C 219 -9.99 -16.74 7.26
C THR C 219 -10.58 -17.21 8.58
N ILE C 220 -11.89 -17.15 8.72
CA ILE C 220 -12.52 -17.66 9.93
C ILE C 220 -12.22 -19.15 10.12
N ALA C 221 -12.35 -19.91 9.05
CA ALA C 221 -12.21 -21.36 9.11
C ALA C 221 -10.79 -21.79 9.52
N SER C 222 -9.81 -20.96 9.20
CA SER C 222 -8.40 -21.27 9.47
C SER C 222 -7.77 -20.43 10.58
N ASN C 223 -8.60 -19.78 11.40
CA ASN C 223 -8.12 -18.98 12.52
C ASN C 223 -9.12 -18.93 13.66
N GLN D 13 -11.81 12.78 25.73
CA GLN D 13 -10.69 13.31 26.50
C GLN D 13 -9.34 12.64 26.18
N CYS D 14 -8.53 13.31 25.36
CA CYS D 14 -7.16 12.86 25.05
C CYS D 14 -6.21 13.54 26.02
N SER D 15 -4.94 13.17 25.99
CA SER D 15 -3.97 13.73 26.92
C SER D 15 -3.08 14.83 26.31
N GLY D 16 -2.71 15.82 27.13
CA GLY D 16 -1.78 16.86 26.71
C GLY D 16 -2.45 17.91 25.85
N LYS D 17 -1.64 18.77 25.25
CA LYS D 17 -2.14 19.86 24.43
C LYS D 17 -2.92 19.31 23.23
N GLN D 18 -4.08 19.92 22.95
CA GLN D 18 -5.00 19.39 21.93
C GLN D 18 -5.14 20.20 20.64
N GLU D 19 -4.73 21.47 20.64
CA GLU D 19 -4.99 22.34 19.49
C GLU D 19 -3.88 23.37 19.36
N TRP D 20 -3.57 23.74 18.13
CA TRP D 20 -2.50 24.70 17.87
C TRP D 20 -2.94 25.87 16.98
N PRO D 21 -3.84 26.73 17.50
CA PRO D 21 -4.27 27.93 16.78
C PRO D 21 -3.10 28.79 16.29
N GLU D 22 -2.03 28.87 17.10
CA GLU D 22 -0.85 29.71 16.78
C GLU D 22 -0.12 29.29 15.52
N LEU D 23 -0.33 28.05 15.08
CA LEU D 23 0.42 27.51 13.96
C LEU D 23 -0.23 27.79 12.58
N VAL D 24 -1.48 28.24 12.58
CA VAL D 24 -2.12 28.63 11.33
C VAL D 24 -1.25 29.72 10.69
N GLY D 25 -0.90 29.57 9.43
CA GLY D 25 -0.03 30.53 8.76
C GLY D 25 1.44 30.16 8.78
N GLU D 26 1.81 29.14 9.56
CA GLU D 26 3.21 28.72 9.67
C GLU D 26 3.55 27.65 8.61
N ARG D 27 4.83 27.45 8.33
CA ARG D 27 5.23 26.36 7.43
C ARG D 27 4.89 25.01 8.04
N GLY D 28 4.33 24.13 7.22
CA GLY D 28 3.96 22.79 7.67
C GLY D 28 5.04 22.08 8.46
N SER D 29 6.18 21.83 7.82
CA SER D 29 7.28 21.10 8.44
C SER D 29 7.70 21.71 9.78
N LYS D 30 7.66 23.04 9.86
CA LYS D 30 8.01 23.72 11.09
C LYS D 30 6.95 23.46 12.17
N ALA D 31 5.68 23.57 11.79
CA ALA D 31 4.57 23.29 12.70
C ALA D 31 4.59 21.86 13.25
N ALA D 32 4.84 20.89 12.36
CA ALA D 32 4.89 19.49 12.76
C ALA D 32 5.89 19.25 13.88
N LYS D 33 7.07 19.87 13.77
CA LYS D 33 8.10 19.72 14.80
C LYS D 33 7.65 20.32 16.14
N ILE D 34 7.03 21.50 16.07
CA ILE D 34 6.54 22.16 17.27
C ILE D 34 5.45 21.33 17.94
N ILE D 35 4.52 20.82 17.13
CA ILE D 35 3.45 19.98 17.66
C ILE D 35 4.01 18.77 18.41
N GLU D 36 4.92 18.04 17.76
CA GLU D 36 5.48 16.85 18.36
C GLU D 36 6.29 17.15 19.60
N ASN D 37 6.89 18.34 19.67
CA ASN D 37 7.62 18.73 20.86
C ASN D 37 6.73 19.09 22.03
N GLU D 38 5.57 19.68 21.74
CA GLU D 38 4.69 20.18 22.79
C GLU D 38 3.74 19.09 23.29
N ASN D 39 3.58 18.03 22.50
CA ASN D 39 2.79 16.89 22.92
C ASN D 39 3.48 15.63 22.45
N GLU D 40 4.23 15.01 23.34
CA GLU D 40 5.11 13.91 22.96
C GLU D 40 4.35 12.63 22.61
N ASP D 41 3.04 12.62 22.86
CA ASP D 41 2.25 11.43 22.58
C ASP D 41 1.65 11.41 21.16
N VAL D 42 1.85 12.48 20.38
CA VAL D 42 1.26 12.51 19.05
C VAL D 42 2.31 12.52 17.95
N ARG D 43 1.91 12.06 16.77
CA ARG D 43 2.72 12.24 15.59
C ARG D 43 1.99 13.22 14.67
N ALA D 44 2.72 14.21 14.16
CA ALA D 44 2.17 15.17 13.22
C ALA D 44 2.33 14.67 11.80
N ILE D 45 1.25 14.78 11.02
CA ILE D 45 1.23 14.29 9.65
C ILE D 45 0.89 15.44 8.73
N VAL D 46 1.86 15.90 7.97
CA VAL D 46 1.63 16.99 7.04
C VAL D 46 0.94 16.50 5.77
N LEU D 47 -0.22 17.07 5.46
CA LEU D 47 -0.95 16.70 4.26
C LEU D 47 -1.35 17.93 3.46
N PRO D 48 -1.41 17.79 2.15
CA PRO D 48 -2.01 18.87 1.35
C PRO D 48 -3.46 19.10 1.77
N GLU D 49 -3.81 20.36 1.89
CA GLU D 49 -5.17 20.75 2.14
C GLU D 49 -6.13 19.98 1.23
N GLY D 50 -7.21 19.47 1.79
CA GLY D 50 -8.17 18.74 0.98
C GLY D 50 -7.87 17.26 0.80
N SER D 51 -6.71 16.81 1.27
CA SER D 51 -6.38 15.38 1.25
C SER D 51 -7.44 14.56 1.98
N ALA D 52 -7.86 13.47 1.37
CA ALA D 52 -8.78 12.55 2.02
C ALA D 52 -8.06 11.84 3.16
N VAL D 53 -8.79 11.47 4.20
CA VAL D 53 -8.19 10.83 5.38
C VAL D 53 -9.08 9.73 5.90
N PRO D 54 -8.51 8.81 6.69
CA PRO D 54 -9.29 7.75 7.33
C PRO D 54 -10.27 8.36 8.33
N ARG D 55 -11.30 7.61 8.69
CA ARG D 55 -12.32 8.14 9.59
C ARG D 55 -12.31 7.45 10.95
N ASP D 56 -11.10 7.10 11.39
CA ASP D 56 -10.92 6.68 12.77
C ASP D 56 -10.69 7.90 13.66
N LEU D 57 -10.66 7.67 14.96
CA LEU D 57 -10.52 8.73 15.94
C LEU D 57 -9.29 8.40 16.77
N ARG D 58 -8.29 9.28 16.79
CA ARG D 58 -7.06 8.97 17.51
C ARG D 58 -6.61 10.06 18.49
N CYS D 59 -5.97 9.65 19.59
CA CYS D 59 -5.40 10.60 20.54
C CYS D 59 -3.90 10.80 20.29
N ASP D 60 -3.37 10.11 19.29
CA ASP D 60 -1.94 10.19 19.00
C ASP D 60 -1.67 10.75 17.58
N ARG D 61 -2.63 11.48 17.02
CA ARG D 61 -2.50 11.93 15.64
C ARG D 61 -2.88 13.40 15.51
N VAL D 62 -2.03 14.15 14.80
CA VAL D 62 -2.38 15.52 14.44
C VAL D 62 -2.15 15.77 12.97
N TRP D 63 -3.22 15.85 12.19
CA TRP D 63 -3.07 16.26 10.80
C TRP D 63 -2.66 17.73 10.74
N VAL D 64 -1.71 18.04 9.86
CA VAL D 64 -1.32 19.41 9.57
C VAL D 64 -1.57 19.66 8.09
N PHE D 65 -2.64 20.39 7.79
CA PHE D 65 -3.00 20.64 6.41
C PHE D 65 -2.34 21.90 5.86
N VAL D 66 -1.66 21.77 4.74
CA VAL D 66 -0.94 22.87 4.12
C VAL D 66 -1.46 23.19 2.70
N ASP D 67 -1.38 24.47 2.33
CA ASP D 67 -1.70 24.87 0.97
C ASP D 67 -0.49 24.62 0.08
N GLU D 68 -0.55 25.07 -1.16
CA GLU D 68 0.52 24.76 -2.12
C GLU D 68 1.83 25.46 -1.81
N ARG D 69 1.79 26.39 -0.87
CA ARG D 69 3.00 27.06 -0.39
C ARG D 69 3.53 26.39 0.87
N GLY D 70 2.88 25.30 1.28
CA GLY D 70 3.30 24.57 2.47
C GLY D 70 2.96 25.30 3.76
N VAL D 71 1.98 26.20 3.66
CA VAL D 71 1.54 26.98 4.81
C VAL D 71 0.34 26.30 5.50
N VAL D 72 0.35 26.29 6.83
CA VAL D 72 -0.69 25.63 7.60
C VAL D 72 -2.00 26.37 7.40
N VAL D 73 -3.00 25.65 6.92
CA VAL D 73 -4.19 26.25 6.38
C VAL D 73 -5.35 26.23 7.38
N ASP D 74 -5.23 25.39 8.41
CA ASP D 74 -6.24 25.32 9.45
C ASP D 74 -5.65 24.83 10.77
N THR D 75 -6.37 25.07 11.86
CA THR D 75 -5.90 24.73 13.19
C THR D 75 -5.62 23.23 13.32
N PRO D 76 -4.35 22.84 13.54
CA PRO D 76 -4.07 21.43 13.82
C PRO D 76 -4.68 20.99 15.16
N VAL D 77 -5.36 19.85 15.18
CA VAL D 77 -5.89 19.33 16.43
C VAL D 77 -5.65 17.83 16.50
N VAL D 78 -5.64 17.32 17.72
CA VAL D 78 -5.57 15.89 17.96
C VAL D 78 -6.88 15.24 17.49
N MET D 79 -6.77 14.30 16.58
CA MET D 79 -7.95 13.63 16.03
C MET D 79 -7.47 12.53 15.12
#